data_8X5O
#
_entry.id   8X5O
#
_cell.length_a   198.736
_cell.length_b   198.736
_cell.length_c   64.130
_cell.angle_alpha   90.00
_cell.angle_beta   90.00
_cell.angle_gamma   120.00
#
_symmetry.space_group_name_H-M   'P 63 2 2'
#
loop_
_entity.id
_entity.type
_entity.pdbx_description
1 polymer 'spike protein S2'
2 water water
#
_entity_poly.entity_id   1
_entity_poly.type   'polypeptide(L)'
_entity_poly.pdbx_seq_one_letter_code
;GITQQVLAENQKLIANKFNQALGAMQTGFTTSNLAFSKVQDAVNANANALSKLASELSNTFGAISSSISDILNRLDSGGR
GGGPNFAEISKINTTLLDLSDEMAILQEVVKQLNDSYIDLKELGNY
;
_entity_poly.pdbx_strand_id   A,B,C
#
# COMPACT_ATOMS: atom_id res chain seq x y z
N GLY A 1 12.97 -50.41 0.12
CA GLY A 1 11.68 -51.06 0.05
C GLY A 1 10.54 -50.09 -0.16
N ILE A 2 9.44 -50.29 0.56
CA ILE A 2 8.31 -49.36 0.50
C ILE A 2 8.74 -47.99 1.01
N THR A 3 9.73 -47.94 1.90
CA THR A 3 10.18 -46.67 2.46
C THR A 3 10.82 -45.79 1.37
N GLN A 4 11.60 -46.39 0.48
CA GLN A 4 12.17 -45.63 -0.64
C GLN A 4 11.07 -45.15 -1.57
N GLN A 5 10.08 -46.00 -1.84
CA GLN A 5 8.95 -45.59 -2.67
C GLN A 5 8.17 -44.45 -2.03
N VAL A 6 7.93 -44.55 -0.71
CA VAL A 6 7.22 -43.48 0.00
C VAL A 6 8.05 -42.21 -0.02
N LEU A 7 9.37 -42.32 0.06
CA LEU A 7 10.23 -41.14 0.01
C LEU A 7 10.16 -40.46 -1.36
N ALA A 8 10.15 -41.25 -2.44
CA ALA A 8 9.99 -40.68 -3.77
C ALA A 8 8.63 -40.01 -3.93
N GLU A 9 7.57 -40.66 -3.45
CA GLU A 9 6.23 -40.07 -3.49
C GLU A 9 6.20 -38.76 -2.73
N ASN A 10 6.82 -38.72 -1.55
CA ASN A 10 6.83 -37.52 -0.74
C ASN A 10 7.64 -36.41 -1.39
N GLN A 11 8.72 -36.77 -2.08
CA GLN A 11 9.48 -35.79 -2.85
C GLN A 11 8.62 -35.15 -3.92
N LYS A 12 7.88 -35.98 -4.67
CA LYS A 12 6.97 -35.46 -5.68
C LYS A 12 5.93 -34.54 -5.07
N LEU A 13 5.34 -34.96 -3.95
CA LEU A 13 4.35 -34.13 -3.26
C LEU A 13 4.92 -32.79 -2.83
N ILE A 14 6.14 -32.82 -2.27
CA ILE A 14 6.80 -31.59 -1.82
C ILE A 14 7.01 -30.65 -3.00
N ALA A 15 7.54 -31.17 -4.10
CA ALA A 15 7.80 -30.33 -5.27
C ALA A 15 6.51 -29.73 -5.81
N ASN A 16 5.44 -30.53 -5.87
CA ASN A 16 4.18 -30.05 -6.43
C ASN A 16 3.58 -28.95 -5.56
N LYS A 17 3.51 -29.18 -4.25
CA LYS A 17 2.98 -28.15 -3.35
C LYS A 17 3.84 -26.89 -3.39
N PHE A 18 5.16 -27.06 -3.54
CA PHE A 18 6.04 -25.90 -3.61
C PHE A 18 5.76 -25.08 -4.86
N ASN A 19 5.60 -25.74 -6.00
CA ASN A 19 5.35 -25.00 -7.24
C ASN A 19 3.98 -24.31 -7.21
N GLN A 20 2.98 -24.98 -6.64
CA GLN A 20 1.68 -24.35 -6.43
C GLN A 20 1.83 -23.06 -5.60
N ALA A 21 2.49 -23.18 -4.44
CA ALA A 21 2.70 -22.01 -3.59
C ALA A 21 3.50 -20.94 -4.31
N LEU A 22 4.45 -21.34 -5.16
CA LEU A 22 5.28 -20.39 -5.89
C LEU A 22 4.44 -19.55 -6.84
N GLY A 23 3.59 -20.20 -7.64
CA GLY A 23 2.66 -19.46 -8.48
C GLY A 23 1.78 -18.53 -7.68
N ALA A 24 1.30 -19.00 -6.51
CA ALA A 24 0.47 -18.15 -5.66
C ALA A 24 1.24 -16.90 -5.21
N MET A 25 2.47 -17.08 -4.75
CA MET A 25 3.31 -15.96 -4.31
C MET A 25 3.49 -14.95 -5.44
N GLN A 26 3.77 -15.45 -6.63
CA GLN A 26 3.96 -14.57 -7.79
C GLN A 26 2.71 -13.74 -8.05
N THR A 27 1.54 -14.38 -8.02
CA THR A 27 0.30 -13.64 -8.23
C THR A 27 0.10 -12.59 -7.15
N GLY A 28 0.38 -12.96 -5.89
CA GLY A 28 0.20 -12.02 -4.79
C GLY A 28 1.10 -10.81 -4.91
N PHE A 29 2.36 -11.02 -5.29
CA PHE A 29 3.28 -9.88 -5.40
C PHE A 29 2.97 -9.01 -6.62
N THR A 30 2.57 -9.63 -7.73
CA THR A 30 2.12 -8.84 -8.88
C THR A 30 0.91 -7.98 -8.51
N THR A 31 -0.01 -8.55 -7.74
CA THR A 31 -1.18 -7.81 -7.30
C THR A 31 -0.81 -6.68 -6.36
N SER A 32 0.14 -6.94 -5.45
CA SER A 32 0.64 -5.87 -4.58
C SER A 32 1.23 -4.74 -5.41
N ASN A 33 1.94 -5.08 -6.49
CA ASN A 33 2.50 -4.05 -7.36
C ASN A 33 1.39 -3.22 -8.02
N LEU A 34 0.37 -3.90 -8.56
CA LEU A 34 -0.76 -3.19 -9.16
C LEU A 34 -1.42 -2.24 -8.16
N ALA A 35 -1.68 -2.74 -6.95
CA ALA A 35 -2.33 -1.92 -5.94
C ALA A 35 -1.46 -0.74 -5.54
N PHE A 36 -0.15 -0.95 -5.41
CA PHE A 36 0.75 0.14 -5.05
C PHE A 36 0.76 1.21 -6.13
N SER A 37 0.75 0.78 -7.40
CA SER A 37 0.69 1.75 -8.50
C SER A 37 -0.58 2.58 -8.44
N LYS A 38 -1.72 1.92 -8.21
CA LYS A 38 -2.98 2.66 -8.11
C LYS A 38 -2.98 3.62 -6.93
N VAL A 39 -2.42 3.19 -5.80
CA VAL A 39 -2.35 4.06 -4.62
C VAL A 39 -1.48 5.28 -4.92
N GLN A 40 -0.33 5.06 -5.56
CA GLN A 40 0.53 6.18 -5.95
C GLN A 40 -0.22 7.16 -6.83
N ASP A 41 -0.92 6.66 -7.85
CA ASP A 41 -1.65 7.53 -8.75
C ASP A 41 -2.69 8.37 -8.00
N ALA A 42 -3.51 7.72 -7.18
CA ALA A 42 -4.58 8.43 -6.49
C ALA A 42 -4.01 9.46 -5.52
N VAL A 43 -2.98 9.09 -4.76
CA VAL A 43 -2.40 9.98 -3.76
C VAL A 43 -1.81 11.20 -4.44
N ASN A 44 -1.05 11.00 -5.51
CA ASN A 44 -0.41 12.13 -6.18
C ASN A 44 -1.43 13.02 -6.87
N ALA A 45 -2.50 12.43 -7.41
CA ALA A 45 -3.53 13.24 -8.05
C ALA A 45 -4.26 14.11 -7.04
N ASN A 46 -4.60 13.54 -5.88
CA ASN A 46 -5.26 14.35 -4.85
C ASN A 46 -4.31 15.37 -4.24
N ALA A 47 -3.01 15.07 -4.20
CA ALA A 47 -2.03 16.07 -3.77
C ALA A 47 -1.99 17.24 -4.74
N ASN A 48 -2.01 16.95 -6.04
CA ASN A 48 -2.07 18.03 -7.03
C ASN A 48 -3.36 18.82 -6.91
N ALA A 49 -4.47 18.15 -6.60
CA ALA A 49 -5.73 18.86 -6.40
C ALA A 49 -5.65 19.81 -5.20
N LEU A 50 -5.07 19.34 -4.10
CA LEU A 50 -4.89 20.19 -2.93
C LEU A 50 -3.97 21.37 -3.24
N SER A 51 -2.89 21.12 -3.97
CA SER A 51 -1.98 22.21 -4.35
C SER A 51 -2.69 23.23 -5.25
N LYS A 52 -3.53 22.75 -6.17
CA LYS A 52 -4.26 23.67 -7.03
C LYS A 52 -5.25 24.50 -6.24
N LEU A 53 -5.95 23.89 -5.28
CA LEU A 53 -6.85 24.65 -4.41
C LEU A 53 -6.09 25.71 -3.62
N ALA A 54 -4.94 25.33 -3.05
CA ALA A 54 -4.16 26.27 -2.26
C ALA A 54 -3.70 27.45 -3.11
N SER A 55 -3.12 27.17 -4.28
CA SER A 55 -2.65 28.24 -5.16
C SER A 55 -3.81 29.11 -5.66
N GLU A 56 -4.96 28.51 -5.92
CA GLU A 56 -6.12 29.28 -6.38
C GLU A 56 -6.54 30.27 -5.31
N LEU A 57 -6.71 29.79 -4.08
CA LEU A 57 -7.05 30.67 -2.98
C LEU A 57 -6.00 31.76 -2.81
N SER A 58 -4.72 31.40 -2.97
CA SER A 58 -3.65 32.38 -2.83
C SER A 58 -3.78 33.50 -3.85
N ASN A 59 -3.95 33.14 -5.12
CA ASN A 59 -4.13 34.15 -6.17
C ASN A 59 -5.33 35.06 -5.90
N THR A 60 -6.47 34.47 -5.50
CA THR A 60 -7.65 35.32 -5.27
C THR A 60 -7.46 36.23 -4.07
N PHE A 61 -6.91 35.71 -2.97
CA PHE A 61 -6.65 36.53 -1.80
C PHE A 61 -5.67 37.65 -2.13
N GLY A 62 -4.68 37.36 -2.96
CA GLY A 62 -3.76 38.41 -3.39
C GLY A 62 -4.43 39.49 -4.20
N ALA A 63 -5.34 39.09 -5.10
CA ALA A 63 -6.07 40.08 -5.89
C ALA A 63 -6.91 40.98 -5.00
N ILE A 64 -7.63 40.39 -4.04
CA ILE A 64 -8.47 41.19 -3.14
C ILE A 64 -7.62 42.11 -2.29
N SER A 65 -6.50 41.61 -1.78
CA SER A 65 -5.58 42.44 -1.01
C SER A 65 -5.07 43.60 -1.85
N SER A 66 -4.75 43.34 -3.12
CA SER A 66 -4.25 44.40 -4.00
C SER A 66 -5.31 45.47 -4.23
N SER A 67 -6.57 45.07 -4.38
CA SER A 67 -7.64 46.05 -4.53
C SER A 67 -7.77 46.93 -3.29
N ILE A 68 -7.86 46.29 -2.12
CA ILE A 68 -8.01 47.04 -0.87
C ILE A 68 -6.81 47.95 -0.66
N SER A 69 -5.62 47.51 -1.07
CA SER A 69 -4.43 48.35 -0.92
C SER A 69 -4.42 49.49 -1.92
N ASP A 70 -4.92 49.27 -3.14
CA ASP A 70 -5.02 50.35 -4.11
C ASP A 70 -5.92 51.46 -3.61
N ILE A 71 -6.98 51.11 -2.88
CA ILE A 71 -7.79 52.16 -2.26
C ILE A 71 -7.26 52.61 -0.90
N LEU A 72 -6.33 51.87 -0.31
CA LEU A 72 -5.86 52.16 1.04
C LEU A 72 -4.48 52.79 1.11
N ASN A 73 -3.53 52.35 0.29
CA ASN A 73 -2.16 52.86 0.35
C ASN A 73 -1.77 53.45 -1.01
N ARG A 74 -0.73 54.27 -0.97
CA ARG A 74 -0.21 54.92 -2.18
C ARG A 74 1.01 54.16 -2.72
N ILE A 89 -0.21 30.57 -0.86
CA ILE A 89 -0.22 29.79 0.36
C ILE A 89 0.89 28.74 0.25
N SER A 90 2.13 29.18 0.41
CA SER A 90 3.28 28.29 0.39
C SER A 90 3.52 27.62 1.74
N LYS A 91 2.79 28.03 2.79
CA LYS A 91 2.85 27.32 4.06
C LYS A 91 2.17 25.97 3.99
N ILE A 92 1.23 25.80 3.06
CA ILE A 92 0.65 24.48 2.78
C ILE A 92 1.55 23.85 1.72
N ASN A 93 2.26 22.80 2.11
CA ASN A 93 3.13 22.08 1.17
C ASN A 93 2.70 20.61 1.15
N THR A 94 2.26 20.16 -0.02
CA THR A 94 1.90 18.77 -0.22
C THR A 94 3.13 18.00 -0.71
N THR A 95 3.15 16.70 -0.41
CA THR A 95 4.23 15.82 -0.83
C THR A 95 3.69 14.78 -1.79
N LEU A 96 4.50 14.43 -2.79
CA LEU A 96 4.13 13.44 -3.78
C LEU A 96 4.68 12.07 -3.39
N LEU A 97 4.05 11.03 -3.92
CA LEU A 97 4.40 9.65 -3.62
C LEU A 97 5.25 9.09 -4.76
N ASP A 98 6.37 8.46 -4.40
CA ASP A 98 7.28 7.85 -5.37
C ASP A 98 7.63 6.44 -4.90
N LEU A 99 7.16 5.43 -5.63
CA LEU A 99 7.38 4.04 -5.28
C LEU A 99 8.05 3.27 -6.41
N SER A 100 8.77 3.96 -7.30
CA SER A 100 9.30 3.31 -8.50
C SER A 100 10.32 2.24 -8.14
N ASP A 101 11.25 2.54 -7.23
CA ASP A 101 12.26 1.57 -6.84
C ASP A 101 11.62 0.36 -6.16
N GLU A 102 10.65 0.61 -5.27
CA GLU A 102 9.96 -0.48 -4.60
C GLU A 102 9.25 -1.39 -5.59
N MET A 103 8.55 -0.79 -6.57
CA MET A 103 7.83 -1.57 -7.56
C MET A 103 8.77 -2.36 -8.47
N ALA A 104 9.91 -1.75 -8.83
CA ALA A 104 10.88 -2.47 -9.66
C ALA A 104 11.49 -3.64 -8.90
N ILE A 105 11.78 -3.46 -7.61
CA ILE A 105 12.33 -4.59 -6.85
C ILE A 105 11.26 -5.64 -6.63
N LEU A 106 9.98 -5.25 -6.53
CA LEU A 106 8.91 -6.24 -6.51
C LEU A 106 8.86 -7.03 -7.81
N GLN A 107 9.06 -6.36 -8.94
CA GLN A 107 9.17 -7.06 -10.22
C GLN A 107 10.31 -8.07 -10.20
N GLU A 108 11.46 -7.65 -9.69
CA GLU A 108 12.61 -8.56 -9.61
C GLU A 108 12.33 -9.73 -8.68
N VAL A 109 11.55 -9.50 -7.61
CA VAL A 109 11.12 -10.58 -6.73
C VAL A 109 10.26 -11.58 -7.49
N VAL A 110 9.32 -11.06 -8.28
CA VAL A 110 8.46 -11.93 -9.09
C VAL A 110 9.31 -12.75 -10.06
N LYS A 111 10.35 -12.14 -10.63
CA LYS A 111 11.20 -12.85 -11.58
C LYS A 111 12.01 -13.94 -10.90
N GLN A 112 12.58 -13.63 -9.72
CA GLN A 112 13.33 -14.64 -8.99
C GLN A 112 12.44 -15.78 -8.52
N LEU A 113 11.17 -15.47 -8.20
CA LEU A 113 10.23 -16.54 -7.89
C LEU A 113 9.90 -17.36 -9.13
N ASN A 114 9.81 -16.70 -10.29
CA ASN A 114 9.54 -17.41 -11.54
C ASN A 114 10.63 -18.44 -11.82
N ASP A 115 11.89 -18.04 -11.71
CA ASP A 115 13.00 -18.96 -11.97
C ASP A 115 13.35 -19.80 -10.75
N SER A 116 12.36 -20.21 -9.94
CA SER A 116 12.60 -21.05 -8.78
C SER A 116 11.75 -22.32 -8.80
N TYR A 117 11.17 -22.66 -9.95
CA TYR A 117 10.34 -23.85 -10.04
C TYR A 117 11.20 -25.11 -9.95
N ILE A 118 10.64 -26.14 -9.31
CA ILE A 118 11.36 -27.39 -9.07
C ILE A 118 10.95 -28.41 -10.12
N ASP A 119 11.93 -28.90 -10.88
CA ASP A 119 11.74 -29.97 -11.84
C ASP A 119 12.54 -31.18 -11.36
N LEU A 120 11.85 -32.12 -10.72
CA LEU A 120 12.50 -33.26 -10.10
C LEU A 120 12.91 -34.29 -11.13
N LYS A 121 14.04 -34.94 -10.87
CA LYS A 121 14.41 -36.14 -11.61
C LYS A 121 13.46 -37.26 -11.21
N GLU A 122 12.87 -37.93 -12.20
CA GLU A 122 11.90 -38.97 -11.91
C GLU A 122 12.60 -40.22 -11.39
N LEU A 123 11.96 -41.38 -11.50
CA LEU A 123 12.55 -42.64 -11.07
C LEU A 123 11.78 -43.83 -11.65
N GLY B 1 21.18 -47.42 -3.63
CA GLY B 1 22.14 -47.18 -4.69
C GLY B 1 21.82 -45.95 -5.54
N ILE B 2 21.64 -46.17 -6.85
CA ILE B 2 21.39 -45.05 -7.75
C ILE B 2 20.02 -44.42 -7.48
N THR B 3 19.04 -45.20 -6.99
CA THR B 3 17.82 -44.58 -6.49
C THR B 3 18.13 -43.64 -5.33
N GLN B 4 19.04 -44.05 -4.45
CA GLN B 4 19.43 -43.19 -3.32
C GLN B 4 20.20 -41.97 -3.79
N GLN B 5 21.12 -42.15 -4.75
CA GLN B 5 21.83 -41.00 -5.31
C GLN B 5 20.86 -40.00 -5.94
N VAL B 6 19.85 -40.50 -6.66
CA VAL B 6 18.89 -39.62 -7.30
C VAL B 6 18.01 -38.93 -6.25
N LEU B 7 17.64 -39.65 -5.19
CA LEU B 7 16.86 -39.04 -4.12
C LEU B 7 17.63 -37.93 -3.42
N ALA B 8 18.94 -38.15 -3.19
CA ALA B 8 19.76 -37.11 -2.58
C ALA B 8 19.92 -35.91 -3.51
N GLU B 9 20.09 -36.17 -4.81
CA GLU B 9 20.16 -35.08 -5.79
C GLU B 9 18.87 -34.25 -5.77
N ASN B 10 17.72 -34.93 -5.72
CA ASN B 10 16.44 -34.22 -5.70
C ASN B 10 16.27 -33.44 -4.41
N GLN B 11 16.71 -34.01 -3.28
CA GLN B 11 16.66 -33.29 -2.01
C GLN B 11 17.48 -32.01 -2.07
N LYS B 12 18.70 -32.10 -2.61
CA LYS B 12 19.53 -30.92 -2.74
C LYS B 12 18.87 -29.89 -3.65
N LEU B 13 18.32 -30.32 -4.78
CA LEU B 13 17.66 -29.39 -5.70
C LEU B 13 16.51 -28.67 -5.02
N ILE B 14 15.62 -29.43 -4.38
CA ILE B 14 14.51 -28.83 -3.65
C ILE B 14 15.02 -27.81 -2.64
N ALA B 15 16.06 -28.16 -1.89
CA ALA B 15 16.59 -27.24 -0.88
C ALA B 15 17.09 -25.94 -1.53
N ASN B 16 17.89 -26.06 -2.59
CA ASN B 16 18.41 -24.86 -3.26
C ASN B 16 17.28 -23.99 -3.79
N LYS B 17 16.30 -24.60 -4.48
CA LYS B 17 15.24 -23.82 -5.07
C LYS B 17 14.37 -23.15 -4.00
N PHE B 18 14.11 -23.86 -2.90
CA PHE B 18 13.31 -23.29 -1.83
C PHE B 18 14.03 -22.13 -1.15
N ASN B 19 15.35 -22.26 -0.95
CA ASN B 19 16.09 -21.17 -0.33
C ASN B 19 16.14 -19.94 -1.23
N GLN B 20 16.31 -20.16 -2.53
CA GLN B 20 16.26 -19.05 -3.49
C GLN B 20 14.92 -18.33 -3.42
N ALA B 21 13.83 -19.10 -3.52
CA ALA B 21 12.50 -18.50 -3.41
C ALA B 21 12.31 -17.81 -2.06
N LEU B 22 12.91 -18.34 -1.01
CA LEU B 22 12.77 -17.74 0.31
C LEU B 22 13.42 -16.37 0.38
N GLY B 23 14.63 -16.24 -0.18
CA GLY B 23 15.24 -14.93 -0.29
C GLY B 23 14.38 -13.97 -1.10
N ALA B 24 13.84 -14.45 -2.23
CA ALA B 24 12.98 -13.59 -3.04
C ALA B 24 11.75 -13.12 -2.26
N MET B 25 11.13 -14.02 -1.49
CA MET B 25 9.94 -13.67 -0.72
C MET B 25 10.27 -12.67 0.38
N GLN B 26 11.38 -12.91 1.10
CA GLN B 26 11.89 -11.95 2.06
C GLN B 26 11.97 -10.55 1.45
N THR B 27 12.63 -10.47 0.29
CA THR B 27 12.79 -9.19 -0.40
C THR B 27 11.44 -8.57 -0.73
N GLY B 28 10.53 -9.37 -1.29
CA GLY B 28 9.23 -8.85 -1.68
C GLY B 28 8.46 -8.24 -0.53
N PHE B 29 8.39 -8.97 0.59
CA PHE B 29 7.62 -8.47 1.72
C PHE B 29 8.32 -7.29 2.40
N THR B 30 9.65 -7.26 2.42
CA THR B 30 10.35 -6.10 2.96
C THR B 30 10.07 -4.85 2.13
N THR B 31 10.11 -4.98 0.80
CA THR B 31 9.79 -3.84 -0.05
C THR B 31 8.34 -3.43 0.11
N SER B 32 7.44 -4.39 0.29
CA SER B 32 6.04 -4.06 0.54
C SER B 32 5.90 -3.25 1.83
N ASN B 33 6.66 -3.61 2.86
CA ASN B 33 6.60 -2.86 4.11
C ASN B 33 7.14 -1.45 3.95
N LEU B 34 8.27 -1.30 3.23
CA LEU B 34 8.80 0.03 2.99
C LEU B 34 7.84 0.89 2.18
N ALA B 35 7.18 0.28 1.19
CA ALA B 35 6.22 1.01 0.39
C ALA B 35 5.01 1.43 1.21
N PHE B 36 4.55 0.56 2.12
CA PHE B 36 3.45 0.92 3.00
C PHE B 36 3.86 2.05 3.93
N SER B 37 5.10 2.05 4.40
CA SER B 37 5.59 3.15 5.23
C SER B 37 5.57 4.46 4.46
N LYS B 38 6.07 4.45 3.22
CA LYS B 38 6.10 5.67 2.43
C LYS B 38 4.68 6.15 2.10
N VAL B 39 3.77 5.20 1.85
CA VAL B 39 2.38 5.55 1.58
C VAL B 39 1.75 6.22 2.79
N GLN B 40 1.97 5.63 3.98
CA GLN B 40 1.47 6.23 5.21
C GLN B 40 2.01 7.63 5.41
N ASP B 41 3.32 7.81 5.19
CA ASP B 41 3.92 9.13 5.35
C ASP B 41 3.29 10.15 4.41
N ALA B 42 3.16 9.79 3.13
CA ALA B 42 2.60 10.72 2.15
C ALA B 42 1.15 11.06 2.48
N VAL B 43 0.35 10.05 2.81
CA VAL B 43 -1.07 10.27 3.08
C VAL B 43 -1.25 11.13 4.33
N ASN B 44 -0.49 10.84 5.39
CA ASN B 44 -0.62 11.62 6.62
C ASN B 44 -0.13 13.04 6.44
N ALA B 45 0.93 13.23 5.66
CA ALA B 45 1.41 14.59 5.42
C ALA B 45 0.42 15.40 4.61
N ASN B 46 -0.21 14.78 3.60
CA ASN B 46 -1.21 15.52 2.83
C ASN B 46 -2.47 15.77 3.65
N ALA B 47 -2.81 14.86 4.56
CA ALA B 47 -3.93 15.11 5.46
C ALA B 47 -3.62 16.27 6.41
N ASN B 48 -2.39 16.33 6.92
CA ASN B 48 -1.99 17.47 7.74
C ASN B 48 -2.03 18.77 6.94
N ALA B 49 -1.64 18.71 5.67
CA ALA B 49 -1.70 19.91 4.82
C ALA B 49 -3.14 20.36 4.62
N LEU B 50 -4.06 19.42 4.38
CA LEU B 50 -5.47 19.77 4.23
C LEU B 50 -6.03 20.38 5.50
N SER B 51 -5.71 19.77 6.65
CA SER B 51 -6.18 20.30 7.93
C SER B 51 -5.62 21.68 8.20
N LYS B 52 -4.34 21.90 7.87
CA LYS B 52 -3.72 23.21 8.07
C LYS B 52 -4.38 24.25 7.17
N LEU B 53 -4.69 23.88 5.93
CA LEU B 53 -5.39 24.81 5.03
C LEU B 53 -6.74 25.20 5.59
N ALA B 54 -7.52 24.20 6.06
CA ALA B 54 -8.83 24.50 6.63
C ALA B 54 -8.72 25.41 7.84
N SER B 55 -7.75 25.13 8.73
CA SER B 55 -7.60 25.93 9.94
C SER B 55 -7.16 27.35 9.61
N GLU B 56 -6.25 27.51 8.66
CA GLU B 56 -5.81 28.85 8.26
C GLU B 56 -6.96 29.65 7.65
N LEU B 57 -7.77 29.00 6.80
CA LEU B 57 -8.93 29.69 6.24
C LEU B 57 -9.91 30.10 7.34
N SER B 58 -10.14 29.22 8.31
CA SER B 58 -11.05 29.56 9.41
C SER B 58 -10.52 30.73 10.22
N ASN B 59 -9.20 30.75 10.50
CA ASN B 59 -8.61 31.85 11.25
C ASN B 59 -8.75 33.16 10.50
N THR B 60 -8.47 33.16 9.20
CA THR B 60 -8.59 34.39 8.42
C THR B 60 -10.04 34.87 8.35
N PHE B 61 -10.98 33.94 8.19
CA PHE B 61 -12.38 34.32 8.17
C PHE B 61 -12.83 34.89 9.51
N GLY B 62 -12.32 34.35 10.61
CA GLY B 62 -12.63 34.90 11.91
C GLY B 62 -12.07 36.30 12.09
N ALA B 63 -10.86 36.54 11.61
CA ALA B 63 -10.28 37.88 11.70
C ALA B 63 -11.08 38.88 10.88
N ILE B 64 -11.48 38.48 9.66
CA ILE B 64 -12.31 39.35 8.82
C ILE B 64 -13.66 39.61 9.49
N SER B 65 -14.21 38.59 10.14
CA SER B 65 -15.48 38.75 10.85
C SER B 65 -15.36 39.72 12.01
N SER B 66 -14.24 39.68 12.73
CA SER B 66 -14.00 40.65 13.79
C SER B 66 -13.91 42.06 13.22
N SER B 67 -13.18 42.22 12.12
CA SER B 67 -13.05 43.54 11.48
C SER B 67 -14.41 44.07 11.05
N ILE B 68 -15.28 43.19 10.54
CA ILE B 68 -16.60 43.63 10.10
C ILE B 68 -17.49 43.95 11.29
N SER B 69 -17.44 43.13 12.34
CA SER B 69 -18.23 43.40 13.53
C SER B 69 -17.77 44.66 14.24
N ASP B 70 -16.56 45.14 13.96
CA ASP B 70 -16.09 46.38 14.57
C ASP B 70 -16.79 47.60 13.97
N ILE B 71 -17.00 47.63 12.65
CA ILE B 71 -17.66 48.78 12.04
C ILE B 71 -19.15 48.76 12.34
N LEU B 72 -19.76 47.58 12.31
CA LEU B 72 -21.04 47.41 12.97
C LEU B 72 -20.85 47.53 14.48
N ASN B 73 -21.95 47.52 15.22
CA ASN B 73 -21.87 47.51 16.67
C ASN B 73 -22.37 46.17 17.17
N ARG B 74 -21.62 45.12 16.84
CA ARG B 74 -21.92 43.76 17.25
C ARG B 74 -20.76 43.19 18.06
N LEU B 75 -21.09 42.31 18.99
CA LEU B 75 -20.08 41.59 19.77
C LEU B 75 -19.69 40.31 19.06
N ASP B 76 -18.42 39.93 19.20
CA ASP B 76 -17.93 38.67 18.66
C ASP B 76 -16.65 38.24 19.36
N LYS B 91 -17.32 21.76 8.81
CA LYS B 91 -17.00 20.55 9.56
C LYS B 91 -16.34 19.52 8.63
N ILE B 92 -15.07 19.74 8.34
CA ILE B 92 -14.29 18.87 7.46
C ILE B 92 -13.51 17.90 8.33
N ASN B 93 -13.59 16.61 8.00
CA ASN B 93 -12.95 15.55 8.78
C ASN B 93 -11.83 14.93 7.95
N THR B 94 -10.58 15.17 8.36
CA THR B 94 -9.43 14.51 7.76
C THR B 94 -9.05 13.30 8.58
N THR B 95 -8.74 12.20 7.90
CA THR B 95 -8.38 10.95 8.55
C THR B 95 -6.88 10.69 8.39
N LEU B 96 -6.24 10.30 9.49
CA LEU B 96 -4.83 9.94 9.48
C LEU B 96 -4.69 8.43 9.36
N LEU B 97 -3.71 7.99 8.57
CA LEU B 97 -3.51 6.57 8.30
C LEU B 97 -2.58 5.95 9.34
N ASP B 98 -3.00 4.80 9.87
CA ASP B 98 -2.25 4.09 10.92
C ASP B 98 -2.06 2.65 10.48
N LEU B 99 -0.84 2.32 10.04
CA LEU B 99 -0.49 0.98 9.60
C LEU B 99 0.60 0.35 10.46
N SER B 100 0.74 0.81 11.71
CA SER B 100 1.87 0.37 12.54
C SER B 100 1.78 -1.12 12.85
N ASP B 101 0.62 -1.58 13.32
CA ASP B 101 0.48 -2.99 13.68
C ASP B 101 0.67 -3.90 12.47
N GLU B 102 0.13 -3.49 11.32
CA GLU B 102 0.27 -4.30 10.12
C GLU B 102 1.72 -4.41 9.69
N MET B 103 2.46 -3.30 9.77
CA MET B 103 3.89 -3.33 9.44
C MET B 103 4.67 -4.17 10.44
N ALA B 104 4.27 -4.16 11.71
CA ALA B 104 4.93 -5.03 12.69
C ALA B 104 4.68 -6.50 12.38
N ILE B 105 3.46 -6.85 12.00
CA ILE B 105 3.17 -8.24 11.62
C ILE B 105 3.96 -8.62 10.37
N LEU B 106 4.10 -7.68 9.42
CA LEU B 106 4.92 -7.94 8.23
C LEU B 106 6.37 -8.18 8.61
N GLN B 107 6.89 -7.41 9.56
CA GLN B 107 8.25 -7.63 10.04
C GLN B 107 8.40 -9.01 10.65
N GLU B 108 7.43 -9.43 11.46
CA GLU B 108 7.49 -10.77 12.06
C GLU B 108 7.40 -11.84 10.98
N VAL B 109 6.65 -11.58 9.91
CA VAL B 109 6.57 -12.52 8.79
C VAL B 109 7.93 -12.66 8.12
N VAL B 110 8.59 -11.54 7.86
CA VAL B 110 9.91 -11.56 7.26
C VAL B 110 10.90 -12.31 8.16
N LYS B 111 10.75 -12.15 9.48
CA LYS B 111 11.64 -12.84 10.40
C LYS B 111 11.37 -14.35 10.42
N GLN B 112 10.11 -14.76 10.29
CA GLN B 112 9.81 -16.18 10.19
C GLN B 112 10.39 -16.76 8.90
N LEU B 113 10.29 -16.01 7.81
CA LEU B 113 10.96 -16.42 6.57
C LEU B 113 12.45 -16.56 6.77
N ASN B 114 13.06 -15.64 7.53
CA ASN B 114 14.45 -15.79 7.94
C ASN B 114 14.67 -17.14 8.62
N ASP B 115 13.80 -17.47 9.58
CA ASP B 115 13.91 -18.71 10.33
C ASP B 115 13.60 -19.96 9.52
N SER B 116 13.08 -19.81 8.29
CA SER B 116 12.65 -20.95 7.49
C SER B 116 13.71 -21.47 6.53
N TYR B 117 14.98 -21.10 6.71
CA TYR B 117 16.02 -21.58 5.82
C TYR B 117 16.27 -23.07 6.03
N ILE B 118 16.54 -23.79 4.94
CA ILE B 118 16.73 -25.24 4.96
C ILE B 118 18.22 -25.54 4.90
N ASP B 119 18.73 -26.22 5.92
CA ASP B 119 20.12 -26.65 5.99
C ASP B 119 20.15 -28.18 6.02
N LEU B 120 20.40 -28.79 4.87
CA LEU B 120 20.38 -30.24 4.76
C LEU B 120 21.58 -30.85 5.47
N LYS B 121 21.41 -32.09 5.92
CA LYS B 121 22.52 -32.89 6.40
C LYS B 121 23.24 -33.52 5.21
N GLU B 122 24.53 -33.25 5.09
CA GLU B 122 25.32 -33.69 3.95
C GLU B 122 25.51 -35.20 3.95
N ILE C 2 22.31 -44.68 8.70
CA ILE C 2 22.77 -44.73 7.32
C ILE C 2 22.25 -43.52 6.55
N THR C 3 22.67 -43.42 5.28
CA THR C 3 22.22 -42.31 4.45
C THR C 3 20.71 -42.31 4.24
N GLN C 4 20.05 -43.45 4.40
CA GLN C 4 18.60 -43.53 4.23
C GLN C 4 17.87 -42.85 5.38
N GLN C 5 18.33 -43.10 6.61
CA GLN C 5 17.81 -42.39 7.77
C GLN C 5 17.97 -40.89 7.60
N VAL C 6 19.15 -40.47 7.14
CA VAL C 6 19.42 -39.04 6.94
C VAL C 6 18.50 -38.48 5.86
N LEU C 7 18.25 -39.24 4.80
CA LEU C 7 17.33 -38.80 3.77
C LEU C 7 15.93 -38.58 4.34
N ALA C 8 15.46 -39.51 5.17
CA ALA C 8 14.13 -39.39 5.76
C ALA C 8 14.03 -38.14 6.63
N GLU C 9 15.00 -37.94 7.53
CA GLU C 9 14.92 -36.78 8.41
C GLU C 9 15.12 -35.47 7.65
N ASN C 10 15.92 -35.48 6.59
CA ASN C 10 16.07 -34.30 5.76
C ASN C 10 14.76 -33.95 5.05
N GLN C 11 14.03 -34.97 4.59
CA GLN C 11 12.73 -34.74 3.98
C GLN C 11 11.76 -34.12 4.98
N LYS C 12 11.74 -34.66 6.20
CA LYS C 12 10.88 -34.08 7.25
C LYS C 12 11.26 -32.62 7.52
N LEU C 13 12.56 -32.33 7.58
CA LEU C 13 13.01 -30.96 7.81
C LEU C 13 12.56 -30.04 6.69
N ILE C 14 12.70 -30.50 5.44
CA ILE C 14 12.28 -29.71 4.29
C ILE C 14 10.80 -29.37 4.40
N ALA C 15 9.97 -30.39 4.65
CA ALA C 15 8.53 -30.16 4.73
C ALA C 15 8.17 -29.21 5.86
N ASN C 16 8.83 -29.35 7.01
CA ASN C 16 8.51 -28.51 8.16
C ASN C 16 8.88 -27.05 7.89
N LYS C 17 10.08 -26.81 7.35
CA LYS C 17 10.48 -25.44 7.05
C LYS C 17 9.59 -24.84 5.98
N PHE C 18 9.17 -25.65 5.00
CA PHE C 18 8.28 -25.13 3.96
C PHE C 18 6.93 -24.73 4.55
N ASN C 19 6.37 -25.56 5.43
CA ASN C 19 5.07 -25.22 6.03
C ASN C 19 5.18 -23.98 6.92
N GLN C 20 6.30 -23.85 7.63
CA GLN C 20 6.57 -22.63 8.39
C GLN C 20 6.53 -21.41 7.49
N ALA C 21 7.34 -21.41 6.43
CA ALA C 21 7.33 -20.31 5.47
C ALA C 21 5.94 -20.08 4.89
N LEU C 22 5.17 -21.15 4.69
CA LEU C 22 3.85 -21.02 4.09
C LEU C 22 2.90 -20.24 5.00
N GLY C 23 2.85 -20.63 6.28
CA GLY C 23 2.11 -19.83 7.24
C GLY C 23 2.57 -18.39 7.26
N ALA C 24 3.88 -18.16 7.19
CA ALA C 24 4.41 -16.81 7.20
C ALA C 24 3.88 -16.00 6.02
N MET C 25 3.91 -16.58 4.82
CA MET C 25 3.42 -15.90 3.62
C MET C 25 1.93 -15.61 3.70
N GLN C 26 1.14 -16.59 4.16
CA GLN C 26 -0.28 -16.32 4.33
C GLN C 26 -0.51 -15.12 5.22
N THR C 27 0.20 -15.07 6.35
CA THR C 27 0.08 -13.92 7.25
C THR C 27 0.51 -12.63 6.55
N GLY C 28 1.60 -12.68 5.78
CA GLY C 28 2.09 -11.48 5.14
C GLY C 28 1.10 -10.92 4.13
N PHE C 29 0.56 -11.78 3.27
CA PHE C 29 -0.40 -11.31 2.29
C PHE C 29 -1.71 -10.89 2.94
N THR C 30 -2.11 -11.54 4.04
CA THR C 30 -3.32 -11.11 4.74
C THR C 30 -3.16 -9.71 5.32
N THR C 31 -2.03 -9.46 5.98
CA THR C 31 -1.80 -8.12 6.53
C THR C 31 -1.59 -7.09 5.42
N SER C 32 -1.04 -7.50 4.28
CA SER C 32 -0.95 -6.60 3.13
C SER C 32 -2.35 -6.22 2.65
N ASN C 33 -3.27 -7.18 2.61
CA ASN C 33 -4.65 -6.89 2.24
C ASN C 33 -5.29 -5.91 3.23
N LEU C 34 -5.07 -6.15 4.53
CA LEU C 34 -5.59 -5.23 5.55
C LEU C 34 -5.04 -3.83 5.34
N ALA C 35 -3.73 -3.71 5.09
CA ALA C 35 -3.12 -2.41 4.89
C ALA C 35 -3.66 -1.71 3.65
N PHE C 36 -3.88 -2.47 2.56
CA PHE C 36 -4.42 -1.88 1.35
C PHE C 36 -5.84 -1.37 1.57
N SER C 37 -6.66 -2.14 2.29
CA SER C 37 -7.99 -1.66 2.64
C SER C 37 -7.91 -0.37 3.46
N LYS C 38 -6.98 -0.31 4.41
CA LYS C 38 -6.86 0.88 5.25
C LYS C 38 -6.43 2.10 4.44
N VAL C 39 -5.46 1.93 3.53
CA VAL C 39 -5.02 3.06 2.73
C VAL C 39 -6.13 3.51 1.79
N GLN C 40 -6.92 2.57 1.27
CA GLN C 40 -8.07 2.95 0.45
C GLN C 40 -9.05 3.80 1.23
N ASP C 41 -9.42 3.33 2.44
CA ASP C 41 -10.34 4.09 3.28
C ASP C 41 -9.81 5.49 3.55
N ALA C 42 -8.55 5.59 3.98
CA ALA C 42 -7.99 6.89 4.34
C ALA C 42 -7.93 7.84 3.14
N VAL C 43 -7.43 7.33 2.01
CA VAL C 43 -7.29 8.17 0.82
C VAL C 43 -8.64 8.68 0.35
N ASN C 44 -9.65 7.79 0.33
CA ASN C 44 -10.96 8.23 -0.16
C ASN C 44 -11.62 9.20 0.82
N ALA C 45 -11.47 8.97 2.12
CA ALA C 45 -12.02 9.91 3.10
C ALA C 45 -11.39 11.29 2.96
N ASN C 46 -10.07 11.33 2.76
CA ASN C 46 -9.41 12.63 2.64
C ASN C 46 -9.73 13.30 1.31
N ALA C 47 -9.94 12.53 0.24
CA ALA C 47 -10.43 13.11 -1.01
C ALA C 47 -11.80 13.73 -0.82
N ASN C 48 -12.69 13.04 -0.11
CA ASN C 48 -14.01 13.60 0.18
C ASN C 48 -13.89 14.87 1.01
N ALA C 49 -12.96 14.88 1.97
CA ALA C 49 -12.76 16.08 2.78
C ALA C 49 -12.27 17.26 1.94
N LEU C 50 -11.31 17.01 1.05
CA LEU C 50 -10.85 18.06 0.15
C LEU C 50 -11.99 18.59 -0.72
N SER C 51 -12.79 17.68 -1.29
CA SER C 51 -13.92 18.09 -2.12
C SER C 51 -14.94 18.91 -1.34
N LYS C 52 -15.21 18.50 -0.09
CA LYS C 52 -16.16 19.23 0.75
C LYS C 52 -15.64 20.62 1.07
N LEU C 53 -14.35 20.74 1.39
CA LEU C 53 -13.77 22.06 1.62
C LEU C 53 -13.91 22.95 0.39
N ALA C 54 -13.59 22.40 -0.78
CA ALA C 54 -13.69 23.18 -2.01
C ALA C 54 -15.12 23.64 -2.26
N SER C 55 -16.10 22.77 -2.06
CA SER C 55 -17.48 23.13 -2.35
C SER C 55 -18.02 24.14 -1.35
N GLU C 56 -17.68 23.99 -0.07
CA GLU C 56 -18.13 24.95 0.93
C GLU C 56 -17.51 26.32 0.69
N LEU C 57 -16.22 26.34 0.31
CA LEU C 57 -15.60 27.60 -0.07
C LEU C 57 -16.28 28.21 -1.28
N SER C 58 -16.65 27.38 -2.26
CA SER C 58 -17.39 27.85 -3.42
C SER C 58 -18.67 28.56 -3.00
N ASN C 59 -19.46 27.91 -2.14
CA ASN C 59 -20.74 28.48 -1.74
C ASN C 59 -20.56 29.77 -0.93
N THR C 60 -19.56 29.81 -0.04
CA THR C 60 -19.34 31.01 0.76
C THR C 60 -18.89 32.17 -0.11
N PHE C 61 -17.92 31.93 -1.01
CA PHE C 61 -17.52 32.96 -1.95
C PHE C 61 -18.67 33.40 -2.83
N GLY C 62 -19.59 32.48 -3.16
CA GLY C 62 -20.75 32.85 -3.94
C GLY C 62 -21.67 33.81 -3.20
N ALA C 63 -21.92 33.52 -1.93
CA ALA C 63 -22.75 34.43 -1.13
C ALA C 63 -22.10 35.80 -0.98
N ILE C 64 -20.78 35.82 -0.77
CA ILE C 64 -20.08 37.09 -0.63
C ILE C 64 -20.14 37.89 -1.93
N SER C 65 -19.90 37.23 -3.06
CA SER C 65 -20.00 37.89 -4.35
C SER C 65 -21.41 38.37 -4.62
N SER C 66 -22.43 37.62 -4.16
CA SER C 66 -23.80 38.07 -4.31
C SER C 66 -24.05 39.36 -3.54
N SER C 67 -23.55 39.44 -2.31
CA SER C 67 -23.71 40.66 -1.54
C SER C 67 -23.00 41.85 -2.20
N ILE C 68 -21.79 41.62 -2.69
CA ILE C 68 -21.04 42.71 -3.32
C ILE C 68 -21.74 43.16 -4.59
N SER C 69 -22.22 42.22 -5.41
CA SER C 69 -22.97 42.57 -6.61
C SER C 69 -24.27 43.29 -6.27
N ASP C 70 -24.88 42.95 -5.13
CA ASP C 70 -26.07 43.66 -4.70
C ASP C 70 -25.76 45.12 -4.38
N ILE C 71 -24.67 45.37 -3.67
CA ILE C 71 -24.31 46.76 -3.40
C ILE C 71 -23.79 47.47 -4.64
N LEU C 72 -23.40 46.74 -5.67
CA LEU C 72 -23.00 47.34 -6.93
C LEU C 72 -24.10 47.34 -7.98
N ASN C 73 -25.24 46.74 -7.67
CA ASN C 73 -26.33 46.55 -8.64
C ASN C 73 -25.87 45.77 -9.87
N ARG C 74 -24.86 44.93 -9.69
CA ARG C 74 -24.47 44.01 -10.76
C ARG C 74 -25.54 42.94 -10.92
N LEU C 75 -25.99 42.75 -12.16
CA LEU C 75 -27.16 41.93 -12.43
C LEU C 75 -26.83 40.48 -12.73
N ASP C 76 -25.64 40.21 -13.29
CA ASP C 76 -25.29 38.87 -13.72
C ASP C 76 -24.90 38.00 -12.54
N SER C 77 -25.42 36.78 -12.49
CA SER C 77 -25.08 35.82 -11.45
C SER C 77 -24.22 34.70 -12.02
N ALA C 87 -16.18 28.37 -11.82
CA ALA C 87 -16.17 26.91 -11.89
C ALA C 87 -14.88 26.37 -11.30
N GLU C 88 -13.82 27.19 -11.35
CA GLU C 88 -12.49 26.78 -10.98
C GLU C 88 -12.44 26.00 -9.66
N ILE C 89 -12.87 26.64 -8.57
CA ILE C 89 -12.92 25.96 -7.28
C ILE C 89 -13.97 24.85 -7.28
N SER C 90 -14.98 24.93 -8.15
CA SER C 90 -15.94 23.85 -8.33
C SER C 90 -15.50 22.83 -9.36
N LYS C 91 -14.36 23.06 -10.02
CA LYS C 91 -13.78 22.09 -10.94
C LYS C 91 -12.61 21.34 -10.32
N ILE C 92 -12.23 21.64 -9.08
CA ILE C 92 -11.22 20.86 -8.39
C ILE C 92 -11.79 19.49 -8.14
N ASN C 93 -11.39 18.51 -8.94
CA ASN C 93 -11.93 17.16 -8.89
C ASN C 93 -10.91 16.22 -8.27
N THR C 94 -11.35 15.47 -7.26
CA THR C 94 -10.49 14.50 -6.60
C THR C 94 -10.66 13.12 -7.23
N THR C 95 -9.66 12.28 -7.04
CA THR C 95 -9.69 10.90 -7.51
C THR C 95 -9.79 9.97 -6.31
N LEU C 96 -10.76 9.06 -6.36
CA LEU C 96 -10.98 8.09 -5.30
C LEU C 96 -10.37 6.75 -5.69
N LEU C 97 -9.89 6.02 -4.70
CA LEU C 97 -9.14 4.79 -4.90
C LEU C 97 -10.08 3.59 -4.83
N ASP C 98 -9.90 2.66 -5.77
CA ASP C 98 -10.70 1.44 -5.84
C ASP C 98 -9.75 0.26 -6.05
N LEU C 99 -9.48 -0.49 -4.97
CA LEU C 99 -8.57 -1.62 -5.01
C LEU C 99 -9.30 -2.95 -4.88
N SER C 100 -10.61 -2.98 -5.17
CA SER C 100 -11.42 -4.16 -4.90
C SER C 100 -10.89 -5.40 -5.62
N ASP C 101 -10.61 -5.27 -6.92
CA ASP C 101 -10.09 -6.40 -7.69
C ASP C 101 -8.78 -6.91 -7.10
N GLU C 102 -7.89 -6.00 -6.71
CA GLU C 102 -6.61 -6.40 -6.15
C GLU C 102 -6.78 -7.14 -4.83
N MET C 103 -7.68 -6.64 -3.96
CA MET C 103 -7.90 -7.32 -2.68
C MET C 103 -8.52 -8.69 -2.87
N ALA C 104 -9.45 -8.83 -3.82
CA ALA C 104 -10.04 -10.14 -4.10
C ALA C 104 -8.98 -11.11 -4.62
N ILE C 105 -8.14 -10.64 -5.54
CA ILE C 105 -7.04 -11.47 -6.04
C ILE C 105 -6.13 -11.89 -4.89
N LEU C 106 -5.86 -10.96 -3.97
CA LEU C 106 -4.98 -11.23 -2.83
C LEU C 106 -5.54 -12.33 -1.94
N GLN C 107 -6.84 -12.24 -1.63
CA GLN C 107 -7.41 -13.27 -0.76
C GLN C 107 -7.48 -14.61 -1.47
N GLU C 108 -7.70 -14.65 -2.79
CA GLU C 108 -7.67 -15.95 -3.46
C GLU C 108 -6.25 -16.51 -3.53
N VAL C 109 -5.24 -15.63 -3.58
CA VAL C 109 -3.86 -16.07 -3.42
C VAL C 109 -3.65 -16.72 -2.06
N VAL C 110 -4.14 -16.06 -1.00
CA VAL C 110 -4.03 -16.63 0.33
C VAL C 110 -4.75 -17.98 0.41
N LYS C 111 -5.86 -18.11 -0.33
CA LYS C 111 -6.58 -19.38 -0.39
C LYS C 111 -5.71 -20.48 -1.01
N GLN C 112 -5.08 -20.18 -2.15
CA GLN C 112 -4.21 -21.18 -2.77
C GLN C 112 -3.03 -21.53 -1.85
N LEU C 113 -2.50 -20.53 -1.14
CA LEU C 113 -1.41 -20.79 -0.20
C LEU C 113 -1.88 -21.71 0.93
N ASN C 114 -3.10 -21.52 1.40
CA ASN C 114 -3.73 -22.47 2.31
C ASN C 114 -3.74 -23.87 1.70
N ASP C 115 -4.15 -23.97 0.44
CA ASP C 115 -4.25 -25.28 -0.19
C ASP C 115 -2.90 -25.87 -0.57
N SER C 116 -1.79 -25.17 -0.34
CA SER C 116 -0.46 -25.70 -0.65
C SER C 116 0.27 -26.29 0.54
N TYR C 117 -0.43 -26.68 1.62
CA TYR C 117 0.25 -27.25 2.77
C TYR C 117 0.67 -28.69 2.47
N ILE C 118 1.80 -29.09 3.07
CA ILE C 118 2.41 -30.38 2.83
C ILE C 118 2.07 -31.31 3.98
N ASP C 119 1.43 -32.44 3.66
CA ASP C 119 1.12 -33.49 4.61
C ASP C 119 1.85 -34.75 4.13
N LEU C 120 3.01 -35.02 4.71
CA LEU C 120 3.84 -36.12 4.26
C LEU C 120 3.21 -37.48 4.57
N LYS C 121 3.62 -38.49 3.80
CA LYS C 121 3.25 -39.87 4.08
C LYS C 121 4.34 -40.51 4.92
N GLU C 122 3.92 -41.31 5.90
CA GLU C 122 4.86 -41.95 6.81
C GLU C 122 5.46 -43.20 6.18
#